data_5BVK
#
_entry.id   5BVK
#
_cell.length_a   62.026
_cell.length_b   71.505
_cell.length_c   76.682
_cell.angle_alpha   90.000
_cell.angle_beta   90.000
_cell.angle_gamma   90.000
#
_symmetry.space_group_name_H-M   'P 21 21 21'
#
loop_
_entity.id
_entity.type
_entity.pdbx_description
1 polymer 'Epithelial discoidin domain-containing receptor 1'
2 non-polymer 'IODIDE ION'
3 non-polymer 1-(2-chlorophenyl)-3-(pyridin-3-ylmethyl)urea
4 water water
#
_entity_poly.entity_id   1
_entity_poly.type   'polypeptide(L)'
_entity_poly.pdbx_seq_one_letter_code
;GAMGSAVGDGPPRVDFPRSRLRFKEKLGEGQFGEVHLCEVDSPQDLVSLDFPLNVRKGHPLLVAVKILRPDATKNARNDF
LKEVKIMSRLKDPNIIRLLGVCVQDDPLCMITDYMENGDLNQFLSAHQLEDKAAEGAPGDGQAAQGPTISYPMLLHVAAQ
IASGMRYLATLNFVHRDLATRNCLVGENFTIKIADFGMSRNLYAGDYYRVQGRAVLPIRWMAWECILMGKFTTASDVWAF
GVTLWEVLMLCRAQPFGQLTDEQVIENAGEFFRDQGRQVYLSRPPACPQGLYELMLRCWSRESEQRPPFSQLHRFLAEDA
LNTV
;
_entity_poly.pdbx_strand_id   A
#
# COMPACT_ATOMS: atom_id res chain seq x y z
N ASP A 15 -25.71 3.11 -15.24
CA ASP A 15 -24.31 2.73 -15.63
C ASP A 15 -23.29 3.91 -15.55
N PHE A 16 -23.21 4.65 -14.43
CA PHE A 16 -24.05 4.54 -13.22
C PHE A 16 -24.66 5.90 -12.90
N PRO A 17 -26.00 5.96 -12.64
CA PRO A 17 -26.68 7.27 -12.44
C PRO A 17 -26.30 7.98 -11.14
N ARG A 18 -25.86 9.24 -11.27
CA ARG A 18 -25.30 10.02 -10.16
C ARG A 18 -26.33 10.44 -9.10
N SER A 19 -27.57 10.72 -9.51
CA SER A 19 -28.62 11.20 -8.61
C SER A 19 -28.88 10.28 -7.40
N ARG A 20 -28.55 9.00 -7.53
CA ARG A 20 -28.72 8.02 -6.46
C ARG A 20 -27.68 8.06 -5.33
N LEU A 21 -26.68 8.94 -5.46
CA LEU A 21 -25.64 9.12 -4.44
C LEU A 21 -25.95 10.20 -3.42
N ARG A 22 -25.93 9.83 -2.15
CA ARG A 22 -26.06 10.75 -1.03
C ARG A 22 -24.74 10.81 -0.29
N PHE A 23 -24.05 11.95 -0.44
CA PHE A 23 -22.74 12.19 0.17
C PHE A 23 -22.84 12.34 1.69
N LYS A 24 -22.00 11.62 2.41
CA LYS A 24 -22.11 11.54 3.87
C LYS A 24 -20.98 12.23 4.63
N GLU A 25 -19.72 11.93 4.30
CA GLU A 25 -18.54 12.56 4.93
C GLU A 25 -17.28 12.43 4.11
N LYS A 26 -16.41 13.44 4.20
CA LYS A 26 -15.13 13.45 3.50
C LYS A 26 -14.18 12.51 4.22
N LEU A 27 -13.64 11.53 3.49
CA LEU A 27 -12.73 10.53 4.03
C LEU A 27 -11.26 10.89 3.78
N GLY A 28 -11.01 11.79 2.82
CA GLY A 28 -9.67 12.31 2.59
C GLY A 28 -9.45 12.91 1.21
N GLU A 29 -8.28 13.50 1.03
CA GLU A 29 -7.98 14.38 -0.10
C GLU A 29 -6.63 14.04 -0.73
N GLY A 30 -6.64 13.80 -2.05
CA GLY A 30 -5.43 13.44 -2.83
C GLY A 30 -4.90 14.55 -3.71
N GLN A 31 -4.26 14.17 -4.83
CA GLN A 31 -3.62 15.16 -5.73
C GLN A 31 -4.54 15.68 -6.84
N PHE A 32 -5.27 14.77 -7.49
CA PHE A 32 -6.32 15.16 -8.45
C PHE A 32 -7.74 14.79 -7.97
N GLY A 33 -7.82 14.16 -6.80
CA GLY A 33 -9.08 13.61 -6.28
C GLY A 33 -9.34 13.78 -4.80
N GLU A 34 -10.54 13.36 -4.39
CA GLU A 34 -11.10 13.51 -3.06
C GLU A 34 -12.08 12.34 -2.82
N VAL A 35 -11.99 11.69 -1.65
CA VAL A 35 -12.85 10.52 -1.34
C VAL A 35 -13.93 10.81 -0.28
N HIS A 36 -15.18 10.48 -0.63
CA HIS A 36 -16.31 10.62 0.27
C HIS A 36 -17.04 9.29 0.48
N LEU A 37 -17.49 9.06 1.71
CA LEU A 37 -18.47 8.01 2.00
C LEU A 37 -19.85 8.44 1.45
N CYS A 38 -20.50 7.55 0.71
CA CYS A 38 -21.82 7.80 0.12
C CYS A 38 -22.82 6.70 0.41
N GLU A 39 -24.11 7.06 0.39
CA GLU A 39 -25.22 6.12 0.48
C GLU A 39 -25.88 5.91 -0.88
N VAL A 40 -26.23 4.66 -1.18
CA VAL A 40 -27.03 4.30 -2.37
C VAL A 40 -28.40 3.80 -1.93
N ASP A 41 -29.46 4.26 -2.59
CA ASP A 41 -30.85 4.04 -2.14
C ASP A 41 -31.57 2.74 -2.58
N SER A 42 -30.98 1.98 -3.50
CA SER A 42 -31.58 0.70 -3.92
C SER A 42 -30.79 -0.51 -3.45
N HIS A 59 -31.63 -1.48 4.17
CA HIS A 59 -31.84 -0.65 2.97
C HIS A 59 -30.57 0.07 2.45
N PRO A 60 -29.85 0.85 3.31
CA PRO A 60 -28.88 1.77 2.71
C PRO A 60 -27.47 1.17 2.50
N LEU A 61 -27.05 1.09 1.24
CA LEU A 61 -25.70 0.63 0.91
C LEU A 61 -24.69 1.77 0.96
N LEU A 62 -23.57 1.54 1.65
CA LEU A 62 -22.47 2.51 1.75
C LEU A 62 -21.38 2.20 0.73
N VAL A 63 -20.93 3.22 0.00
CA VAL A 63 -19.81 3.11 -0.96
C VAL A 63 -18.79 4.23 -0.71
N ALA A 64 -17.56 4.05 -1.18
CA ALA A 64 -16.56 5.12 -1.18
C ALA A 64 -16.48 5.70 -2.59
N VAL A 65 -16.56 7.03 -2.67
CA VAL A 65 -16.63 7.71 -3.95
C VAL A 65 -15.51 8.74 -4.06
N LYS A 66 -14.67 8.52 -5.07
CA LYS A 66 -13.58 9.42 -5.40
C LYS A 66 -14.08 10.38 -6.47
N ILE A 67 -13.98 11.67 -6.19
CA ILE A 67 -14.35 12.72 -7.15
C ILE A 67 -13.15 13.65 -7.35
N LEU A 68 -13.24 14.52 -8.36
CA LEU A 68 -12.26 15.61 -8.51
C LEU A 68 -12.37 16.61 -7.35
N ARG A 69 -11.23 17.17 -6.96
CA ARG A 69 -11.17 18.26 -5.98
C ARG A 69 -11.79 19.52 -6.59
N PRO A 70 -12.30 20.46 -5.76
CA PRO A 70 -12.90 21.70 -6.29
C PRO A 70 -12.01 22.56 -7.20
N ASP A 71 -10.70 22.53 -6.99
CA ASP A 71 -9.76 23.28 -7.83
C ASP A 71 -9.17 22.46 -8.99
N ALA A 72 -9.86 21.38 -9.37
CA ALA A 72 -9.39 20.49 -10.43
C ALA A 72 -9.21 21.23 -11.75
N THR A 73 -8.11 20.92 -12.42
CA THR A 73 -7.81 21.48 -13.74
C THR A 73 -8.07 20.39 -14.81
N LYS A 74 -7.83 20.76 -16.08
CA LYS A 74 -7.78 19.80 -17.18
C LYS A 74 -6.79 18.65 -16.93
N ASN A 75 -5.61 18.98 -16.35
CA ASN A 75 -4.57 17.97 -16.05
C ASN A 75 -5.10 16.93 -15.07
N ALA A 76 -5.80 17.39 -14.04
CA ALA A 76 -6.46 16.54 -13.05
C ALA A 76 -7.55 15.63 -13.65
N ARG A 77 -8.37 16.18 -14.53
CA ARG A 77 -9.41 15.43 -15.23
C ARG A 77 -8.82 14.26 -16.04
N ASN A 78 -7.76 14.56 -16.80
CA ASN A 78 -7.03 13.58 -17.58
C ASN A 78 -6.45 12.46 -16.71
N ASP A 79 -5.84 12.84 -15.59
CA ASP A 79 -5.28 11.90 -14.62
C ASP A 79 -6.34 10.99 -14.03
N PHE A 80 -7.52 11.56 -13.79
CA PHE A 80 -8.68 10.85 -13.26
C PHE A 80 -9.15 9.80 -14.26
N LEU A 81 -9.37 10.22 -15.52
CA LEU A 81 -9.70 9.31 -16.62
C LEU A 81 -8.69 8.16 -16.81
N LYS A 82 -7.39 8.42 -16.63
CA LYS A 82 -6.37 7.36 -16.73
C LYS A 82 -6.46 6.36 -15.58
N GLU A 83 -6.77 6.87 -14.37
CA GLU A 83 -6.92 6.01 -13.19
C GLU A 83 -8.11 5.05 -13.33
N VAL A 84 -9.20 5.52 -13.93
CA VAL A 84 -10.34 4.66 -14.26
C VAL A 84 -9.84 3.50 -15.13
N LYS A 85 -9.12 3.83 -16.22
CA LYS A 85 -8.55 2.84 -17.15
C LYS A 85 -7.68 1.79 -16.45
N ILE A 86 -6.79 2.25 -15.57
CA ILE A 86 -5.87 1.37 -14.84
C ILE A 86 -6.68 0.45 -13.93
N MET A 87 -7.59 1.05 -13.17
CA MET A 87 -8.38 0.34 -12.18
C MET A 87 -9.37 -0.66 -12.75
N SER A 88 -9.94 -0.37 -13.92
CA SER A 88 -10.83 -1.29 -14.62
C SER A 88 -10.20 -2.65 -14.91
N ARG A 89 -8.86 -2.69 -15.03
CA ARG A 89 -8.11 -3.94 -15.26
C ARG A 89 -7.98 -4.84 -14.04
N LEU A 90 -8.11 -4.27 -12.85
CA LEU A 90 -7.68 -4.95 -11.63
C LEU A 90 -8.82 -5.72 -10.96
N LYS A 91 -8.82 -7.04 -11.11
CA LYS A 91 -9.88 -7.90 -10.61
C LYS A 91 -9.34 -9.06 -9.76
N ASP A 92 -9.20 -8.82 -8.46
CA ASP A 92 -8.70 -9.83 -7.50
C ASP A 92 -9.36 -9.60 -6.15
N PRO A 93 -9.64 -10.66 -5.35
CA PRO A 93 -10.15 -10.44 -3.97
C PRO A 93 -9.29 -9.51 -3.07
N ASN A 94 -7.98 -9.47 -3.26
CA ASN A 94 -7.08 -8.64 -2.43
C ASN A 94 -6.54 -7.38 -3.09
N ILE A 95 -7.27 -6.91 -4.11
CA ILE A 95 -7.02 -5.64 -4.78
C ILE A 95 -8.34 -4.85 -4.76
N ILE A 96 -8.23 -3.56 -4.48
CA ILE A 96 -9.34 -2.61 -4.63
C ILE A 96 -10.11 -2.81 -5.97
N ARG A 97 -11.43 -2.83 -5.86
CA ARG A 97 -12.31 -3.06 -6.98
C ARG A 97 -13.05 -1.78 -7.36
N LEU A 98 -13.10 -1.50 -8.67
CA LEU A 98 -13.99 -0.49 -9.23
C LEU A 98 -15.40 -1.07 -9.37
N LEU A 99 -16.35 -0.52 -8.59
CA LEU A 99 -17.75 -0.93 -8.64
C LEU A 99 -18.50 -0.27 -9.77
N GLY A 100 -18.19 0.99 -10.03
CA GLY A 100 -18.93 1.79 -10.99
C GLY A 100 -18.25 3.10 -11.29
N VAL A 101 -18.78 3.80 -12.29
CA VAL A 101 -18.10 4.94 -12.86
C VAL A 101 -19.06 6.03 -13.34
N CYS A 102 -18.53 7.26 -13.37
CA CYS A 102 -19.04 8.32 -14.24
C CYS A 102 -17.83 8.87 -15.03
N VAL A 103 -17.79 8.50 -16.31
CA VAL A 103 -16.91 9.10 -17.34
C VAL A 103 -17.84 9.57 -18.48
N GLN A 104 -19.08 9.06 -18.42
CA GLN A 104 -20.25 9.40 -19.23
C GLN A 104 -20.45 10.90 -19.49
N ASP A 105 -21.32 11.52 -18.68
CA ASP A 105 -21.42 12.95 -18.50
C ASP A 105 -20.80 13.26 -17.13
N ASP A 106 -20.07 14.38 -17.07
CA ASP A 106 -19.59 14.97 -15.81
C ASP A 106 -20.76 15.18 -14.82
N PRO A 107 -20.53 15.19 -13.50
CA PRO A 107 -19.20 15.16 -12.88
C PRO A 107 -18.61 13.76 -12.73
N LEU A 108 -17.29 13.68 -12.92
CA LEU A 108 -16.54 12.43 -12.87
C LEU A 108 -16.54 11.82 -11.47
N CYS A 109 -16.72 10.50 -11.40
CA CYS A 109 -16.54 9.76 -10.15
C CYS A 109 -16.11 8.29 -10.33
N MET A 110 -15.42 7.78 -9.32
CA MET A 110 -15.16 6.35 -9.19
C MET A 110 -15.79 5.87 -7.92
N ILE A 111 -16.47 4.72 -8.03
CA ILE A 111 -17.18 4.13 -6.90
C ILE A 111 -16.48 2.81 -6.55
N THR A 112 -16.15 2.66 -5.28
CA THR A 112 -15.54 1.44 -4.78
C THR A 112 -16.21 0.98 -3.49
N ASP A 113 -15.82 -0.20 -3.00
CA ASP A 113 -16.33 -0.72 -1.72
C ASP A 113 -15.96 0.20 -0.56
N TYR A 114 -16.89 0.40 0.34
CA TYR A 114 -16.54 1.07 1.59
C TYR A 114 -15.86 0.06 2.50
N MET A 115 -14.68 0.44 2.96
CA MET A 115 -13.88 -0.39 3.85
C MET A 115 -13.92 0.23 5.24
N GLU A 116 -14.85 -0.31 6.03
CA GLU A 116 -15.25 0.20 7.34
C GLU A 116 -14.09 0.43 8.31
N ASN A 117 -13.04 -0.38 8.22
CA ASN A 117 -11.91 -0.31 9.14
C ASN A 117 -10.73 0.57 8.71
N GLY A 118 -10.88 1.29 7.60
CA GLY A 118 -9.89 2.28 7.14
C GLY A 118 -8.64 1.64 6.55
N ASP A 119 -7.55 2.40 6.46
CA ASP A 119 -6.29 1.84 5.99
C ASP A 119 -5.62 0.97 7.07
N LEU A 120 -4.68 0.15 6.61
CA LEU A 120 -4.09 -0.87 7.45
C LEU A 120 -3.24 -0.25 8.56
N ASN A 121 -2.60 0.88 8.23
CA ASN A 121 -1.78 1.64 9.17
C ASN A 121 -2.60 2.17 10.35
N GLN A 122 -3.73 2.83 10.06
CA GLN A 122 -4.67 3.24 11.11
C GLN A 122 -5.14 2.01 11.90
N PHE A 123 -5.50 0.94 11.20
CA PHE A 123 -6.07 -0.23 11.83
C PHE A 123 -5.10 -0.87 12.80
N LEU A 124 -3.88 -1.15 12.35
CA LEU A 124 -2.87 -1.76 13.22
C LEU A 124 -2.43 -0.88 14.40
N SER A 125 -2.31 0.43 14.15
CA SER A 125 -1.96 1.42 15.18
C SER A 125 -2.94 1.43 16.35
N ALA A 126 -4.19 1.02 16.07
CA ALA A 126 -5.29 0.99 17.04
C ALA A 126 -5.38 -0.36 17.79
N HIS A 127 -4.42 -1.25 17.53
CA HIS A 127 -4.34 -2.57 18.17
C HIS A 127 -3.02 -2.76 18.89
N GLN A 128 -3.06 -3.62 19.91
CA GLN A 128 -1.86 -4.16 20.55
C GLN A 128 -1.77 -5.66 20.29
N LEU A 129 -0.55 -6.20 20.30
CA LEU A 129 -0.36 -7.65 20.20
C LEU A 129 -0.93 -8.38 21.42
N GLU A 130 -1.64 -9.49 21.17
CA GLU A 130 -2.16 -10.34 22.24
C GLU A 130 -1.05 -10.79 23.19
N ASP A 131 -1.34 -10.68 24.48
CA ASP A 131 -0.42 -11.11 25.53
C ASP A 131 -0.64 -12.60 25.85
N LYS A 132 0.41 -13.39 25.59
CA LYS A 132 0.69 -14.76 26.11
C LYS A 132 1.16 -15.74 25.03
N PRO A 147 -8.02 -3.32 22.54
CA PRO A 147 -8.26 -4.06 21.31
C PRO A 147 -7.00 -4.76 20.81
N THR A 148 -7.05 -6.09 20.72
CA THR A 148 -5.84 -6.88 20.45
C THR A 148 -5.86 -7.63 19.11
N ILE A 149 -4.68 -7.97 18.62
CA ILE A 149 -4.51 -8.75 17.41
C ILE A 149 -3.45 -9.85 17.66
N SER A 150 -3.73 -11.05 17.14
CA SER A 150 -2.85 -12.19 17.35
C SER A 150 -1.75 -12.24 16.27
N TYR A 151 -0.67 -12.94 16.61
CA TYR A 151 0.44 -13.18 15.68
C TYR A 151 -0.02 -13.96 14.42
N PRO A 152 -0.77 -15.09 14.59
CA PRO A 152 -1.41 -15.73 13.41
C PRO A 152 -2.24 -14.78 12.53
N MET A 153 -2.94 -13.81 13.13
CA MET A 153 -3.67 -12.79 12.36
C MET A 153 -2.75 -11.85 11.56
N LEU A 154 -1.65 -11.41 12.17
CA LEU A 154 -0.66 -10.64 11.43
C LEU A 154 -0.14 -11.37 10.19
N LEU A 155 0.05 -12.69 10.30
CA LEU A 155 0.48 -13.49 9.15
C LEU A 155 -0.58 -13.56 8.07
N HIS A 156 -1.85 -13.70 8.49
CA HIS A 156 -2.98 -13.74 7.58
C HIS A 156 -3.11 -12.42 6.82
N VAL A 157 -2.89 -11.31 7.52
CA VAL A 157 -2.89 -9.98 6.91
C VAL A 157 -1.81 -9.88 5.84
N ALA A 158 -0.59 -10.26 6.20
CA ALA A 158 0.57 -10.24 5.31
C ALA A 158 0.43 -11.23 4.15
N ALA A 159 -0.16 -12.40 4.39
CA ALA A 159 -0.43 -13.36 3.31
C ALA A 159 -1.39 -12.80 2.25
N GLN A 160 -2.45 -12.10 2.69
CA GLN A 160 -3.41 -11.44 1.79
C GLN A 160 -2.75 -10.38 0.91
N ILE A 161 -1.80 -9.61 1.49
CA ILE A 161 -1.06 -8.61 0.73
C ILE A 161 -0.21 -9.30 -0.37
N ALA A 162 0.50 -10.35 0.03
CA ALA A 162 1.34 -11.15 -0.85
C ALA A 162 0.53 -11.73 -2.01
N SER A 163 -0.70 -12.15 -1.73
CA SER A 163 -1.58 -12.73 -2.74
C SER A 163 -2.03 -11.63 -3.71
N GLY A 164 -2.31 -10.45 -3.18
CA GLY A 164 -2.67 -9.28 -3.99
C GLY A 164 -1.55 -8.95 -4.96
N MET A 165 -0.33 -8.94 -4.42
CA MET A 165 0.88 -8.65 -5.16
C MET A 165 1.22 -9.72 -6.20
N ARG A 166 0.97 -10.98 -5.85
CA ARG A 166 1.08 -12.12 -6.79
C ARG A 166 0.17 -11.90 -7.99
N TYR A 167 -1.06 -11.47 -7.74
CA TYR A 167 -1.97 -11.13 -8.84
C TYR A 167 -1.38 -10.03 -9.75
N LEU A 168 -0.93 -8.92 -9.15
CA LEU A 168 -0.30 -7.81 -9.89
C LEU A 168 0.94 -8.19 -10.71
N ALA A 169 1.81 -9.03 -10.11
CA ALA A 169 2.95 -9.65 -10.80
C ALA A 169 2.54 -10.35 -12.11
N THR A 170 1.53 -11.23 -12.06
CA THR A 170 1.06 -11.95 -13.27
C THR A 170 0.63 -11.00 -14.39
N LEU A 171 0.24 -9.78 -14.01
CA LEU A 171 -0.18 -8.76 -14.96
C LEU A 171 0.98 -7.88 -15.41
N ASN A 172 2.18 -8.12 -14.85
CA ASN A 172 3.36 -7.28 -15.06
C ASN A 172 3.09 -5.82 -14.67
N PHE A 173 2.23 -5.70 -13.67
CA PHE A 173 1.89 -4.42 -13.09
C PHE A 173 2.83 -4.17 -11.93
N VAL A 174 3.60 -3.08 -12.01
CA VAL A 174 4.45 -2.62 -10.91
C VAL A 174 3.66 -1.62 -10.05
N HIS A 175 3.53 -1.88 -8.74
CA HIS A 175 2.78 -0.98 -7.86
C HIS A 175 3.51 0.36 -7.56
N ARG A 176 4.77 0.28 -7.12
CA ARG A 176 5.64 1.47 -6.86
C ARG A 176 5.48 2.17 -5.50
N ASP A 177 4.37 1.94 -4.82
CA ASP A 177 4.13 2.53 -3.51
C ASP A 177 3.43 1.58 -2.52
N LEU A 178 3.90 0.34 -2.44
CA LEU A 178 3.36 -0.59 -1.48
C LEU A 178 3.82 -0.24 -0.06
N ALA A 179 2.85 -0.12 0.86
CA ALA A 179 3.04 0.19 2.27
C ALA A 179 1.68 -0.05 2.94
N THR A 180 1.65 -0.11 4.27
CA THR A 180 0.36 -0.31 4.97
C THR A 180 -0.61 0.84 4.79
N ARG A 181 -0.10 2.08 4.66
CA ARG A 181 -0.96 3.25 4.35
C ARG A 181 -1.79 3.06 3.07
N ASN A 182 -1.31 2.21 2.17
CA ASN A 182 -1.99 1.95 0.90
C ASN A 182 -2.80 0.65 0.86
N CYS A 183 -3.00 0.04 2.03
CA CYS A 183 -3.83 -1.16 2.13
C CYS A 183 -5.09 -0.83 2.92
N LEU A 184 -6.19 -1.43 2.54
CA LEU A 184 -7.46 -1.21 3.19
C LEU A 184 -7.92 -2.43 3.94
N VAL A 185 -8.63 -2.22 5.04
CA VAL A 185 -9.13 -3.30 5.88
C VAL A 185 -10.63 -3.26 5.81
N GLY A 186 -11.21 -4.37 5.41
CA GLY A 186 -12.65 -4.52 5.39
C GLY A 186 -13.22 -5.16 6.64
N GLU A 187 -12.45 -6.06 7.26
CA GLU A 187 -12.96 -7.15 8.13
C GLU A 187 -14.07 -7.98 7.43
N ASN A 188 -14.18 -9.30 7.62
CA ASN A 188 -13.42 -10.18 8.52
C ASN A 188 -11.95 -10.29 8.17
N PHE A 189 -11.23 -9.25 8.57
CA PHE A 189 -9.81 -9.06 8.32
C PHE A 189 -9.40 -9.18 6.83
N THR A 190 -10.32 -8.79 5.95
CA THR A 190 -10.08 -8.73 4.50
C THR A 190 -9.13 -7.55 4.25
N ILE A 191 -8.03 -7.83 3.54
CA ILE A 191 -7.10 -6.77 3.13
C ILE A 191 -7.16 -6.60 1.62
N LYS A 192 -7.29 -5.34 1.20
CA LYS A 192 -7.20 -4.97 -0.21
C LYS A 192 -6.11 -3.94 -0.42
N ILE A 193 -5.26 -4.22 -1.40
CA ILE A 193 -4.24 -3.28 -1.84
C ILE A 193 -4.88 -2.20 -2.71
N ALA A 194 -4.54 -0.95 -2.40
CA ALA A 194 -4.94 0.18 -3.19
C ALA A 194 -3.72 1.03 -3.51
N ASP A 195 -3.94 2.17 -4.18
CA ASP A 195 -2.93 3.20 -4.35
C ASP A 195 -3.57 4.58 -4.21
N PHE A 196 -3.47 5.18 -3.04
CA PHE A 196 -4.17 6.45 -2.78
C PHE A 196 -3.31 7.65 -3.08
N GLY A 197 -3.87 8.59 -3.84
CA GLY A 197 -3.30 9.93 -3.94
C GLY A 197 -3.18 10.52 -2.55
N MET A 198 -4.23 10.33 -1.74
CA MET A 198 -4.33 10.88 -0.37
C MET A 198 -3.27 10.41 0.63
N SER A 199 -2.73 9.21 0.42
CA SER A 199 -1.58 8.72 1.20
C SER A 199 -0.44 9.73 1.25
N ARG A 200 -0.21 10.42 0.12
CA ARG A 200 0.85 11.44 0.03
C ARG A 200 0.59 12.62 0.98
N ASN A 201 -0.69 12.94 1.20
CA ASN A 201 -1.13 13.99 2.14
C ASN A 201 -1.17 13.63 3.63
N LEU A 202 -1.89 12.57 4.03
CA LEU A 202 -1.93 12.20 5.47
C LEU A 202 -0.67 11.52 6.01
N TYR A 203 0.20 11.06 5.11
CA TYR A 203 1.47 10.45 5.47
C TYR A 203 2.64 11.17 4.80
N ALA A 204 2.59 12.51 4.77
CA ALA A 204 3.59 13.36 4.07
C ALA A 204 5.04 13.04 4.41
N GLY A 205 5.32 12.82 5.71
CA GLY A 205 6.63 12.38 6.19
C GLY A 205 7.17 11.08 5.63
N ASP A 206 6.31 10.26 5.02
CA ASP A 206 6.75 9.02 4.36
C ASP A 206 7.31 9.22 2.94
N TYR A 207 7.33 10.47 2.48
CA TYR A 207 7.72 10.77 1.12
C TYR A 207 8.78 11.86 1.08
N TYR A 208 9.77 11.66 0.22
CA TYR A 208 10.91 12.55 0.05
C TYR A 208 10.62 13.44 -1.15
N ARG A 209 10.53 14.75 -0.88
CA ARG A 209 10.12 15.76 -1.85
C ARG A 209 11.27 16.69 -2.22
N VAL A 210 11.59 16.73 -3.51
CA VAL A 210 12.50 17.71 -4.07
C VAL A 210 11.73 18.41 -5.19
N GLN A 211 11.91 19.72 -5.29
CA GLN A 211 11.19 20.51 -6.28
C GLN A 211 11.56 20.05 -7.70
N GLY A 212 10.54 19.79 -8.52
CA GLY A 212 10.73 19.34 -9.91
C GLY A 212 10.90 17.84 -10.08
N ARG A 213 10.94 17.11 -8.97
CA ARG A 213 11.10 15.65 -8.98
C ARG A 213 9.81 14.94 -8.54
N ALA A 214 9.71 13.65 -8.87
CA ALA A 214 8.65 12.79 -8.33
C ALA A 214 8.79 12.67 -6.81
N VAL A 215 7.66 12.49 -6.14
CA VAL A 215 7.58 12.33 -4.69
C VAL A 215 7.84 10.86 -4.37
N LEU A 216 8.93 10.59 -3.63
CA LEU A 216 9.47 9.24 -3.44
C LEU A 216 9.38 8.66 -2.02
N PRO A 217 8.68 7.51 -1.88
CA PRO A 217 8.64 6.75 -0.62
C PRO A 217 9.97 6.04 -0.30
N ILE A 218 11.03 6.83 -0.07
CA ILE A 218 12.40 6.31 0.03
C ILE A 218 12.61 5.20 1.07
N ARG A 219 11.86 5.24 2.16
CA ARG A 219 12.04 4.24 3.24
C ARG A 219 11.53 2.85 2.89
N TRP A 220 10.75 2.77 1.81
CA TRP A 220 10.16 1.51 1.31
C TRP A 220 10.83 1.09 0.02
N MET A 221 11.77 1.92 -0.46
CA MET A 221 12.34 1.73 -1.79
C MET A 221 13.62 0.91 -1.79
N ALA A 222 13.72 0.02 -2.77
CA ALA A 222 14.88 -0.81 -2.98
C ALA A 222 16.06 0.09 -3.33
N TRP A 223 17.28 -0.32 -2.99
CA TRP A 223 18.45 0.53 -3.19
C TRP A 223 18.58 1.00 -4.65
N GLU A 224 18.36 0.10 -5.60
CA GLU A 224 18.42 0.43 -7.04
C GLU A 224 17.34 1.40 -7.52
N CYS A 225 16.21 1.49 -6.81
CA CYS A 225 15.18 2.51 -7.09
C CYS A 225 15.63 3.88 -6.63
N ILE A 226 16.22 3.95 -5.41
CA ILE A 226 16.75 5.18 -4.87
C ILE A 226 17.88 5.72 -5.77
N LEU A 227 18.75 4.85 -6.26
CA LEU A 227 19.90 5.31 -7.05
C LEU A 227 19.64 5.48 -8.54
N MET A 228 18.66 4.75 -9.08
CA MET A 228 18.44 4.72 -10.53
C MET A 228 17.02 5.01 -10.96
N GLY A 229 16.06 4.92 -10.04
CA GLY A 229 14.63 5.04 -10.36
C GLY A 229 14.07 3.91 -11.21
N LYS A 230 14.73 2.75 -11.20
CA LYS A 230 14.23 1.55 -11.87
C LYS A 230 13.25 0.80 -10.94
N PHE A 231 11.95 1.00 -11.15
CA PHE A 231 10.88 0.29 -10.42
C PHE A 231 10.45 -0.97 -11.14
N THR A 232 10.50 -2.10 -10.44
CA THR A 232 10.16 -3.41 -10.99
C THR A 232 9.37 -4.21 -9.96
N THR A 233 8.91 -5.39 -10.37
CA THR A 233 8.35 -6.39 -9.46
C THR A 233 9.32 -6.70 -8.31
N ALA A 234 10.62 -6.80 -8.63
CA ALA A 234 11.67 -7.02 -7.62
C ALA A 234 11.75 -5.91 -6.57
N SER A 235 11.51 -4.66 -6.98
CA SER A 235 11.46 -3.57 -6.00
C SER A 235 10.12 -3.54 -5.24
N ASP A 236 9.04 -4.02 -5.86
CA ASP A 236 7.80 -4.29 -5.11
C ASP A 236 8.03 -5.34 -4.00
N VAL A 237 8.86 -6.36 -4.29
CA VAL A 237 9.21 -7.39 -3.30
C VAL A 237 9.92 -6.77 -2.09
N TRP A 238 10.90 -5.89 -2.37
CA TRP A 238 11.60 -5.14 -1.33
C TRP A 238 10.61 -4.32 -0.49
N ALA A 239 9.74 -3.54 -1.14
CA ALA A 239 8.67 -2.80 -0.44
C ALA A 239 7.70 -3.70 0.32
N PHE A 240 7.44 -4.92 -0.19
CA PHE A 240 6.66 -5.89 0.58
C PHE A 240 7.35 -6.28 1.89
N GLY A 241 8.68 -6.48 1.86
CA GLY A 241 9.48 -6.74 3.08
C GLY A 241 9.30 -5.63 4.11
N VAL A 242 9.41 -4.37 3.65
CA VAL A 242 9.21 -3.20 4.52
C VAL A 242 7.77 -3.19 5.03
N THR A 243 6.81 -3.45 4.14
CA THR A 243 5.39 -3.55 4.53
C THR A 243 5.17 -4.62 5.60
N LEU A 244 5.76 -5.79 5.40
CA LEU A 244 5.71 -6.87 6.39
C LEU A 244 6.32 -6.47 7.74
N TRP A 245 7.45 -5.74 7.69
CA TRP A 245 8.08 -5.21 8.88
C TRP A 245 7.10 -4.31 9.62
N GLU A 246 6.41 -3.42 8.89
CA GLU A 246 5.40 -2.52 9.47
C GLU A 246 4.29 -3.28 10.19
N VAL A 247 3.82 -4.36 9.56
CA VAL A 247 2.72 -5.18 10.05
C VAL A 247 3.18 -5.79 11.37
N LEU A 248 4.39 -6.31 11.39
CA LEU A 248 4.97 -6.88 12.61
C LEU A 248 5.32 -5.87 13.68
N MET A 249 5.58 -4.62 13.30
CA MET A 249 5.70 -3.50 14.25
C MET A 249 4.35 -2.99 14.75
N LEU A 250 3.25 -3.51 14.20
CA LEU A 250 1.90 -2.91 14.39
C LEU A 250 1.90 -1.40 14.08
N CYS A 251 2.68 -1.03 13.06
CA CYS A 251 2.79 0.34 12.56
C CYS A 251 3.22 1.36 13.62
N ARG A 252 4.02 0.93 14.60
CA ARG A 252 4.39 1.79 15.75
C ARG A 252 5.55 2.73 15.45
N ALA A 253 6.22 2.54 14.32
CA ALA A 253 7.44 3.31 13.97
C ALA A 253 7.60 3.37 12.48
N GLN A 254 8.08 4.51 12.01
CA GLN A 254 8.50 4.67 10.62
C GLN A 254 9.76 3.82 10.38
N PRO A 255 9.86 3.18 9.20
CA PRO A 255 11.11 2.45 8.88
C PRO A 255 12.30 3.40 8.89
N PHE A 256 13.40 2.97 9.52
CA PHE A 256 14.63 3.76 9.73
C PHE A 256 14.29 5.07 10.41
N GLY A 257 13.31 5.01 11.33
CA GLY A 257 12.74 6.20 11.97
C GLY A 257 13.72 7.09 12.70
N GLN A 258 14.75 6.50 13.28
CA GLN A 258 15.81 7.29 13.92
C GLN A 258 16.84 7.88 12.91
N LEU A 259 16.71 7.54 11.62
CA LEU A 259 17.62 8.05 10.57
C LEU A 259 16.97 9.12 9.69
N THR A 260 17.74 10.12 9.25
CA THR A 260 17.24 11.17 8.34
C THR A 260 17.06 10.62 6.91
N ASP A 261 16.34 11.39 6.09
CA ASP A 261 16.18 11.09 4.67
C ASP A 261 17.53 10.86 3.98
N GLU A 262 18.48 11.76 4.22
CA GLU A 262 19.83 11.68 3.67
C GLU A 262 20.58 10.40 4.07
N GLN A 263 20.44 9.98 5.33
CA GLN A 263 21.05 8.73 5.80
C GLN A 263 20.47 7.48 5.12
N VAL A 264 19.18 7.55 4.82
CA VAL A 264 18.45 6.51 4.08
C VAL A 264 18.97 6.42 2.63
N ILE A 265 19.12 7.57 1.97
CA ILE A 265 19.67 7.66 0.61
C ILE A 265 21.14 7.20 0.56
N GLU A 266 21.93 7.59 1.56
CA GLU A 266 23.31 7.16 1.76
C GLU A 266 23.40 5.64 1.96
N ASN A 267 22.45 5.08 2.72
CA ASN A 267 22.34 3.63 2.94
C ASN A 267 22.17 2.82 1.63
N ALA A 268 21.37 3.33 0.69
CA ALA A 268 21.24 2.73 -0.65
C ALA A 268 22.59 2.68 -1.39
N GLY A 269 23.38 3.75 -1.28
CA GLY A 269 24.76 3.78 -1.77
C GLY A 269 25.62 2.69 -1.17
N GLU A 270 25.38 2.38 0.11
CA GLU A 270 26.09 1.30 0.79
C GLU A 270 25.73 -0.11 0.29
N PHE A 271 24.46 -0.33 -0.06
CA PHE A 271 24.07 -1.52 -0.83
C PHE A 271 24.83 -1.60 -2.15
N PHE A 272 24.90 -0.49 -2.88
CA PHE A 272 25.62 -0.46 -4.16
C PHE A 272 27.09 -0.81 -3.98
N ARG A 273 27.74 -0.17 -3.00
CA ARG A 273 29.17 -0.37 -2.76
C ARG A 273 29.44 -1.80 -2.27
N ASP A 274 28.50 -2.35 -1.49
CA ASP A 274 28.52 -3.76 -1.06
C ASP A 274 29.81 -4.15 -0.28
N GLN A 275 30.23 -3.23 0.58
CA GLN A 275 31.38 -3.41 1.46
C GLN A 275 30.93 -3.72 2.90
N GLY A 276 29.75 -4.36 3.04
CA GLY A 276 29.23 -4.77 4.36
C GLY A 276 29.00 -3.65 5.37
N ARG A 277 28.70 -2.45 4.86
CA ARG A 277 28.31 -1.29 5.66
C ARG A 277 26.83 -0.90 5.51
N GLN A 278 26.07 -1.63 4.67
CA GLN A 278 24.61 -1.44 4.60
C GLN A 278 23.96 -1.76 5.93
N VAL A 279 22.84 -1.09 6.16
CA VAL A 279 22.09 -1.21 7.39
C VAL A 279 20.67 -1.69 7.04
N TYR A 280 20.06 -2.47 7.94
CA TYR A 280 18.72 -3.06 7.75
C TYR A 280 17.75 -2.68 8.87
N LEU A 281 16.47 -2.70 8.58
CA LEU A 281 15.43 -2.64 9.61
C LEU A 281 15.65 -3.77 10.64
N SER A 282 15.55 -3.44 11.94
CA SER A 282 15.71 -4.39 13.04
C SER A 282 14.51 -5.32 13.12
N ARG A 283 14.70 -6.48 13.75
CA ARG A 283 13.61 -7.46 13.94
C ARG A 283 12.56 -6.87 14.88
N PRO A 284 11.29 -6.77 14.41
CA PRO A 284 10.20 -6.35 15.31
C PRO A 284 10.11 -7.28 16.53
N PRO A 285 9.79 -6.74 17.73
CA PRO A 285 9.59 -7.58 18.94
C PRO A 285 8.56 -8.72 18.76
N ALA A 286 7.55 -8.54 17.92
CA ALA A 286 6.59 -9.62 17.65
C ALA A 286 7.11 -10.67 16.63
N CYS A 287 8.23 -10.39 15.97
CA CYS A 287 8.65 -11.19 14.84
C CYS A 287 9.63 -12.27 15.25
N PRO A 288 9.30 -13.57 14.98
CA PRO A 288 10.29 -14.65 15.20
C PRO A 288 11.40 -14.60 14.13
N GLN A 289 12.55 -15.17 14.46
CA GLN A 289 13.75 -15.15 13.61
C GLN A 289 13.54 -15.70 12.17
N GLY A 290 12.79 -16.79 12.04
CA GLY A 290 12.45 -17.36 10.73
C GLY A 290 11.69 -16.39 9.84
N LEU A 291 10.76 -15.63 10.44
CA LEU A 291 9.99 -14.64 9.68
C LEU A 291 10.86 -13.46 9.32
N TYR A 292 11.74 -13.05 10.24
CA TYR A 292 12.71 -12.00 9.98
C TYR A 292 13.62 -12.32 8.78
N GLU A 293 14.00 -13.58 8.65
CA GLU A 293 14.84 -14.03 7.56
C GLU A 293 14.14 -13.97 6.20
N LEU A 294 12.82 -14.12 6.22
CA LEU A 294 12.01 -13.86 5.04
C LEU A 294 12.14 -12.40 4.60
N MET A 295 11.96 -11.47 5.55
CA MET A 295 12.17 -10.03 5.32
C MET A 295 13.55 -9.76 4.72
N LEU A 296 14.59 -10.37 5.30
CA LEU A 296 15.96 -10.18 4.85
C LEU A 296 16.16 -10.62 3.40
N ARG A 297 15.51 -11.72 3.00
CA ARG A 297 15.54 -12.19 1.61
C ARG A 297 14.88 -11.18 0.65
N CYS A 298 13.78 -10.54 1.08
CA CYS A 298 13.17 -9.41 0.32
C CYS A 298 14.16 -8.27 0.07
N TRP A 299 15.15 -8.13 0.95
CA TRP A 299 16.13 -7.07 0.89
C TRP A 299 17.50 -7.52 0.37
N SER A 300 17.54 -8.61 -0.39
CA SER A 300 18.78 -9.05 -1.06
C SER A 300 19.26 -7.93 -1.97
N ARG A 301 20.58 -7.78 -2.09
CA ARG A 301 21.17 -6.80 -2.99
C ARG A 301 20.76 -7.07 -4.45
N GLU A 302 20.85 -8.33 -4.87
CA GLU A 302 20.49 -8.73 -6.22
C GLU A 302 18.98 -8.94 -6.29
N SER A 303 18.37 -8.30 -7.27
CA SER A 303 16.93 -8.40 -7.58
C SER A 303 16.45 -9.85 -7.74
N GLU A 304 17.18 -10.64 -8.52
CA GLU A 304 16.87 -12.05 -8.83
C GLU A 304 16.88 -12.96 -7.60
N GLN A 305 17.59 -12.56 -6.55
CA GLN A 305 17.70 -13.34 -5.31
C GLN A 305 16.55 -13.07 -4.34
N ARG A 306 15.75 -12.05 -4.64
CA ARG A 306 14.55 -11.72 -3.87
C ARG A 306 13.45 -12.71 -4.23
N PRO A 307 12.69 -13.20 -3.23
CA PRO A 307 11.70 -14.27 -3.47
C PRO A 307 10.52 -13.77 -4.30
N PRO A 308 10.03 -14.57 -5.27
CA PRO A 308 8.78 -14.13 -5.95
C PRO A 308 7.57 -14.15 -4.98
N PHE A 309 6.54 -13.35 -5.28
CA PHE A 309 5.32 -13.26 -4.44
C PHE A 309 4.57 -14.59 -4.21
N SER A 310 4.61 -15.48 -5.20
CA SER A 310 4.14 -16.87 -5.04
C SER A 310 4.79 -17.54 -3.82
N GLN A 311 6.12 -17.44 -3.72
CA GLN A 311 6.89 -18.01 -2.58
C GLN A 311 6.62 -17.29 -1.25
N LEU A 312 6.51 -15.97 -1.30
CA LEU A 312 6.19 -15.19 -0.11
C LEU A 312 4.82 -15.59 0.40
N HIS A 313 3.86 -15.70 -0.50
CA HIS A 313 2.51 -16.13 -0.09
C HIS A 313 2.53 -17.51 0.58
N ARG A 314 3.19 -18.48 -0.07
CA ARG A 314 3.33 -19.84 0.46
C ARG A 314 3.94 -19.87 1.86
N PHE A 315 5.02 -19.12 2.06
CA PHE A 315 5.66 -19.03 3.36
C PHE A 315 4.72 -18.49 4.45
N LEU A 316 4.04 -17.38 4.16
CA LEU A 316 3.17 -16.70 5.12
C LEU A 316 1.87 -17.43 5.42
N ALA A 317 1.35 -18.17 4.43
CA ALA A 317 0.12 -18.93 4.59
C ALA A 317 0.35 -20.33 5.17
N GLU A 318 1.54 -20.91 4.97
CA GLU A 318 1.82 -22.27 5.45
C GLU A 318 3.04 -22.41 6.36
N ASP A 319 4.24 -22.14 5.84
CA ASP A 319 5.49 -22.40 6.57
C ASP A 319 5.58 -21.64 7.91
N ALA A 320 5.14 -20.39 7.91
CA ALA A 320 5.15 -19.53 9.10
C ALA A 320 4.26 -20.07 10.23
N LEU A 321 3.33 -20.96 9.91
CA LEU A 321 2.48 -21.59 10.93
C LEU A 321 3.25 -22.53 11.88
N ASN A 322 4.47 -22.91 11.52
CA ASN A 322 5.26 -23.72 12.43
C ASN A 322 6.44 -22.97 13.05
#